data_6U9X
#
_entry.id   6U9X
#
_cell.length_a   142.445
_cell.length_b   89.360
_cell.length_c   71.351
_cell.angle_alpha   90.000
_cell.angle_beta   109.510
_cell.angle_gamma   90.000
#
_symmetry.space_group_name_H-M   'C 1 2 1'
#
loop_
_entity.id
_entity.type
_entity.pdbx_description
1 polymer 'Mitochondrial edited mRNA stability factor 1'
2 polymer "RNA (5'-R(*GP*AP*GP*AP*GP*GP*GP*GP*GP*UP*U)-3')"
3 water water
#
loop_
_entity_poly.entity_id
_entity_poly.type
_entity_poly.pdbx_seq_one_letter_code
_entity_poly.pdbx_strand_id
1 'polypeptide(L)'
;GSHMDDALRGELASALDTEGHALPFDVHLQQPHSSGDGTAGDTSTIQLEKLSHPPARFDLLTNSFVYKWQTKAALARKVS
GPMREWAAELKYRTGVHIELEPTYPERLSENAVKGSGSDDGDGTQWGAYETADDVDITVYLFGSERGIFNCHKLMEAAIQ
QDPVYVRLGIFRRLANSSEVEWLMLRRINRELRPPDIPPISLKLPGKWTLLYERYKEAAIRTLWEETGITVDASNVYPTG
HLYQTVPQYYWRVPVRYFVAEVPSDIRVEGPQVVPLQYMRNWDARLLRQSPDPIDRAWAQLADPATGCAWMKASMIDQLQ
KPLRGDNYMAIRYTPPPYSNLQEVVGLGDGSITPSTGNGEDAS
;
D,A
2 'polyribonucleotide' GAGAGGGGGUU H,K
#
loop_
_chem_comp.id
_chem_comp.type
_chem_comp.name
_chem_comp.formula
A RNA linking ADENOSINE-5'-MONOPHOSPHATE 'C10 H14 N5 O7 P'
G RNA linking GUANOSINE-5'-MONOPHOSPHATE 'C10 H14 N5 O8 P'
U RNA linking URIDINE-5'-MONOPHOSPHATE 'C9 H13 N2 O9 P'
#
# COMPACT_ATOMS: atom_id res chain seq x y z
N VAL A 27 1.08 3.82 14.17
CA VAL A 27 2.41 3.66 14.71
C VAL A 27 3.35 4.70 14.09
N HIS A 28 4.43 5.02 14.80
CA HIS A 28 5.34 6.10 14.42
C HIS A 28 6.24 5.65 13.27
N LEU A 29 5.66 5.61 12.08
CA LEU A 29 6.44 5.44 10.87
C LEU A 29 7.31 6.66 10.65
N SER A 44 33.47 3.67 9.12
CA SER A 44 32.77 4.79 9.73
C SER A 44 32.17 5.73 8.71
N THR A 45 33.02 6.30 7.86
CA THR A 45 32.57 7.23 6.83
C THR A 45 32.39 6.52 5.50
N ILE A 46 31.41 6.97 4.75
CA ILE A 46 31.11 6.45 3.41
C ILE A 46 31.77 7.40 2.42
N GLN A 47 32.65 6.87 1.57
CA GLN A 47 33.32 7.70 0.57
C GLN A 47 32.58 7.57 -0.75
N LEU A 48 31.77 8.59 -1.05
CA LEU A 48 31.04 8.66 -2.31
C LEU A 48 31.93 9.30 -3.36
N GLU A 49 32.02 8.66 -4.52
CA GLU A 49 32.87 9.13 -5.62
C GLU A 49 31.94 9.59 -6.75
N LYS A 50 31.84 10.91 -6.90
CA LYS A 50 30.94 11.48 -7.91
C LYS A 50 31.37 11.09 -9.30
N LEU A 51 30.41 10.62 -10.11
CA LEU A 51 30.66 10.28 -11.51
C LEU A 51 30.32 11.51 -12.34
N SER A 52 31.35 12.08 -12.99
CA SER A 52 31.15 13.29 -13.79
C SER A 52 30.12 13.07 -14.89
N HIS A 53 30.08 11.86 -15.45
CA HIS A 53 29.16 11.52 -16.52
C HIS A 53 28.55 10.16 -16.21
N PRO A 54 27.26 9.98 -16.45
CA PRO A 54 26.60 8.71 -16.10
C PRO A 54 26.94 7.63 -17.12
N PRO A 55 27.25 6.42 -16.66
CA PRO A 55 27.48 5.32 -17.60
C PRO A 55 26.19 4.89 -18.25
N ALA A 56 26.27 4.56 -19.55
CA ALA A 56 25.11 4.16 -20.34
C ALA A 56 24.48 2.88 -19.81
N ARG A 57 25.09 2.27 -18.80
CA ARG A 57 24.51 1.10 -18.18
C ARG A 57 23.16 1.38 -17.53
N PHE A 58 22.80 2.65 -17.34
CA PHE A 58 21.56 3.01 -16.67
C PHE A 58 20.66 3.96 -17.47
N ASP A 59 21.13 4.50 -18.59
CA ASP A 59 20.40 5.51 -19.35
C ASP A 59 18.98 5.06 -19.72
N ASN A 63 18.87 15.23 -16.07
CA ASN A 63 20.10 15.91 -15.67
C ASN A 63 20.44 15.60 -14.21
N SER A 64 20.04 14.40 -13.77
CA SER A 64 20.32 13.96 -12.42
C SER A 64 21.82 13.85 -12.19
N PHE A 65 22.21 13.94 -10.93
CA PHE A 65 23.56 13.59 -10.53
C PHE A 65 23.63 12.09 -10.28
N VAL A 66 24.84 11.54 -10.36
CA VAL A 66 25.04 10.13 -10.06
C VAL A 66 26.31 9.99 -9.23
N TYR A 67 26.18 9.34 -8.08
CA TYR A 67 27.29 9.10 -7.17
C TYR A 67 27.47 7.59 -7.00
N LYS A 68 28.71 7.19 -6.70
CA LYS A 68 29.07 5.79 -6.61
C LYS A 68 29.70 5.50 -5.27
N TRP A 69 29.44 4.31 -4.73
CA TRP A 69 30.03 3.88 -3.47
C TRP A 69 30.48 2.42 -3.63
N GLN A 70 31.77 2.19 -3.40
CA GLN A 70 32.36 0.86 -3.46
C GLN A 70 32.55 0.35 -2.05
N THR A 71 31.91 -0.76 -1.72
CA THR A 71 31.92 -1.29 -0.36
C THR A 71 31.64 -2.80 -0.43
N LYS A 72 31.39 -3.40 0.73
CA LYS A 72 31.09 -4.82 0.82
C LYS A 72 29.63 -5.03 1.18
N ALA A 73 29.16 -6.27 0.98
CA ALA A 73 27.78 -6.60 1.28
C ALA A 73 27.47 -6.48 2.77
N ALA A 74 28.48 -6.41 3.63
CA ALA A 74 28.23 -6.21 5.05
C ALA A 74 27.59 -4.85 5.32
N LEU A 75 27.93 -3.85 4.51
CA LEU A 75 27.43 -2.48 4.68
C LEU A 75 26.29 -2.16 3.71
N ALA A 76 26.46 -2.48 2.42
CA ALA A 76 25.40 -2.24 1.46
C ALA A 76 24.13 -3.01 1.78
N ARG A 77 24.24 -4.08 2.58
CA ARG A 77 23.06 -4.79 3.07
C ARG A 77 22.14 -3.85 3.83
N LYS A 78 22.72 -2.92 4.60
CA LYS A 78 21.92 -2.10 5.51
C LYS A 78 21.37 -0.86 4.83
N VAL A 79 22.01 -0.39 3.75
CA VAL A 79 21.49 0.79 3.06
C VAL A 79 20.24 0.43 2.25
N SER A 80 20.16 -0.81 1.77
CA SER A 80 18.97 -1.28 1.08
C SER A 80 17.96 -1.89 2.04
N GLY A 81 18.43 -2.51 3.12
CA GLY A 81 17.56 -2.91 4.19
C GLY A 81 16.98 -4.31 4.04
N PRO A 82 16.00 -4.64 4.88
CA PRO A 82 15.50 -6.02 4.92
C PRO A 82 14.72 -6.42 3.67
N MET A 83 13.93 -5.52 3.09
CA MET A 83 13.04 -5.85 1.97
C MET A 83 13.10 -4.75 0.91
N ARG A 84 14.30 -4.22 0.67
CA ARG A 84 14.51 -2.95 -0.01
C ARG A 84 13.81 -1.79 0.69
N GLU A 85 13.28 -2.03 1.89
CA GLU A 85 12.44 -1.04 2.55
C GLU A 85 13.27 0.14 3.06
N TRP A 86 14.47 -0.13 3.58
CA TRP A 86 15.32 0.97 4.01
C TRP A 86 15.76 1.82 2.83
N ALA A 87 15.90 1.23 1.65
CA ALA A 87 16.16 2.02 0.44
C ALA A 87 14.94 2.84 0.06
N ALA A 88 13.75 2.24 0.12
CA ALA A 88 12.52 2.98 -0.15
C ALA A 88 12.34 4.11 0.84
N GLU A 89 12.82 3.94 2.07
CA GLU A 89 12.70 5.00 3.07
C GLU A 89 13.72 6.11 2.83
N LEU A 90 14.97 5.75 2.50
CA LEU A 90 15.92 6.74 2.03
C LEU A 90 15.42 7.46 0.79
N LYS A 91 14.52 6.83 0.05
CA LYS A 91 13.91 7.46 -1.13
C LYS A 91 12.80 8.43 -0.71
N TYR A 92 11.99 8.06 0.28
CA TYR A 92 10.98 8.99 0.77
C TYR A 92 11.63 10.21 1.40
N ARG A 93 12.71 10.00 2.16
CA ARG A 93 13.29 11.09 2.95
C ARG A 93 14.07 12.07 2.08
N THR A 94 14.80 11.57 1.08
CA THR A 94 15.68 12.41 0.29
C THR A 94 15.37 12.42 -1.21
N GLY A 95 14.59 11.46 -1.71
CA GLY A 95 14.25 11.42 -3.11
C GLY A 95 15.25 10.70 -4.00
N VAL A 96 16.42 10.35 -3.47
CA VAL A 96 17.45 9.72 -4.30
C VAL A 96 17.12 8.24 -4.47
N HIS A 97 17.40 7.74 -5.67
CA HIS A 97 17.21 6.33 -5.98
C HIS A 97 18.52 5.59 -5.79
N ILE A 98 18.43 4.35 -5.32
CA ILE A 98 19.58 3.53 -4.99
C ILE A 98 19.52 2.25 -5.82
N GLU A 99 20.68 1.82 -6.31
CA GLU A 99 20.81 0.55 -7.01
C GLU A 99 22.14 -0.09 -6.64
N LEU A 100 22.10 -1.40 -6.39
CA LEU A 100 23.29 -2.17 -6.07
C LEU A 100 23.57 -3.20 -7.15
N GLU A 101 24.83 -3.62 -7.22
CA GLU A 101 25.27 -4.65 -8.15
C GLU A 101 26.59 -5.19 -7.65
N PRO A 102 26.80 -6.50 -7.71
CA PRO A 102 28.11 -7.04 -7.30
C PRO A 102 29.21 -6.52 -8.22
N THR A 103 30.32 -6.10 -7.61
CA THR A 103 31.44 -5.58 -8.39
C THR A 103 32.06 -6.66 -9.26
N TYR A 104 32.25 -7.87 -8.71
CA TYR A 104 32.82 -9.00 -9.43
C TYR A 104 31.82 -10.16 -9.34
N PRO A 105 30.75 -10.12 -10.12
CA PRO A 105 29.77 -11.22 -10.08
C PRO A 105 30.34 -12.55 -10.51
N GLU A 106 31.50 -12.55 -11.17
CA GLU A 106 32.11 -13.80 -11.62
C GLU A 106 32.53 -14.66 -10.42
N ARG A 107 32.98 -14.02 -9.34
CA ARG A 107 33.33 -14.77 -8.13
C ARG A 107 32.13 -15.46 -7.50
N LEU A 108 30.91 -15.01 -7.82
CA LEU A 108 29.69 -15.60 -7.31
C LEU A 108 29.39 -16.97 -7.94
N SER A 109 30.21 -17.43 -8.88
CA SER A 109 29.98 -18.70 -9.55
C SER A 109 31.02 -19.77 -9.21
N GLU A 110 32.11 -19.40 -8.54
CA GLU A 110 33.12 -20.37 -8.16
C GLU A 110 32.72 -21.07 -6.86
N ASN A 111 33.30 -22.25 -6.65
CA ASN A 111 33.01 -23.06 -5.46
C ASN A 111 34.11 -22.99 -4.41
N ALA A 112 35.37 -23.02 -4.82
CA ALA A 112 36.49 -22.97 -3.90
C ALA A 112 37.18 -21.61 -3.97
N VAL A 113 37.86 -21.27 -2.88
CA VAL A 113 38.57 -20.00 -2.78
C VAL A 113 39.90 -20.09 -3.53
N GLN A 125 40.35 -11.41 -4.66
CA GLN A 125 40.69 -10.92 -5.99
C GLN A 125 40.26 -11.92 -7.06
N TRP A 126 40.26 -13.20 -6.70
CA TRP A 126 39.74 -14.23 -7.58
C TRP A 126 39.48 -15.50 -6.77
N GLY A 127 38.39 -16.19 -7.10
CA GLY A 127 37.93 -17.34 -6.36
C GLY A 127 36.60 -17.06 -5.68
N ALA A 128 36.12 -18.07 -4.97
CA ALA A 128 34.86 -17.95 -4.27
C ALA A 128 35.00 -17.03 -3.06
N TYR A 129 33.89 -16.41 -2.66
CA TYR A 129 33.83 -15.66 -1.43
C TYR A 129 33.61 -16.61 -0.26
N GLU A 130 34.24 -16.32 0.88
CA GLU A 130 34.07 -17.20 2.03
C GLU A 130 32.70 -17.01 2.67
N THR A 131 32.34 -15.76 2.99
CA THR A 131 31.02 -15.45 3.53
C THR A 131 30.39 -14.32 2.73
N ALA A 132 29.08 -14.17 2.90
CA ALA A 132 28.33 -13.16 2.17
C ALA A 132 28.76 -11.74 2.51
N ASP A 133 29.50 -11.54 3.60
CA ASP A 133 29.89 -10.21 4.01
C ASP A 133 31.14 -9.71 3.29
N ASP A 134 31.96 -10.60 2.76
CA ASP A 134 33.10 -10.20 1.96
C ASP A 134 32.74 -9.89 0.51
N VAL A 135 31.46 -10.02 0.15
CA VAL A 135 31.06 -9.81 -1.24
C VAL A 135 31.22 -8.34 -1.60
N ASP A 136 31.90 -8.09 -2.71
CA ASP A 136 32.07 -6.72 -3.19
C ASP A 136 30.77 -6.22 -3.81
N ILE A 137 30.32 -5.03 -3.40
CA ILE A 137 29.08 -4.44 -3.86
C ILE A 137 29.35 -3.02 -4.32
N THR A 138 28.72 -2.63 -5.43
CA THR A 138 28.83 -1.27 -5.95
C THR A 138 27.46 -0.60 -5.84
N VAL A 139 27.40 0.50 -5.09
CA VAL A 139 26.16 1.22 -4.83
C VAL A 139 26.15 2.48 -5.69
N TYR A 140 25.04 2.71 -6.40
CA TYR A 140 24.85 3.90 -7.21
C TYR A 140 23.68 4.71 -6.65
N LEU A 141 23.89 6.01 -6.47
CA LEU A 141 22.88 6.91 -5.95
C LEU A 141 22.52 7.95 -7.02
N PHE A 142 21.24 8.15 -7.26
CA PHE A 142 20.73 9.05 -8.29
C PHE A 142 19.84 10.10 -7.65
N GLY A 143 20.23 11.35 -7.75
CA GLY A 143 19.40 12.43 -7.22
C GLY A 143 20.09 13.76 -7.34
N SER A 144 19.47 14.77 -6.73
CA SER A 144 20.07 16.10 -6.69
C SER A 144 21.28 16.11 -5.76
N GLU A 145 22.01 17.23 -5.76
CA GLU A 145 23.18 17.32 -4.89
C GLU A 145 22.76 17.46 -3.43
N ARG A 146 21.69 18.20 -3.16
CA ARG A 146 21.14 18.20 -1.81
C ARG A 146 20.57 16.84 -1.44
N GLY A 147 20.09 16.09 -2.43
CA GLY A 147 19.56 14.77 -2.20
C GLY A 147 20.63 13.78 -1.77
N ILE A 148 21.63 13.56 -2.64
CA ILE A 148 22.76 12.70 -2.29
C ILE A 148 23.38 13.14 -0.98
N PHE A 149 23.47 14.46 -0.76
CA PHE A 149 24.03 15.00 0.47
C PHE A 149 23.23 14.54 1.69
N ASN A 150 21.94 14.89 1.72
CA ASN A 150 21.09 14.46 2.83
C ASN A 150 21.05 12.95 2.96
N CYS A 151 20.94 12.25 1.83
CA CYS A 151 20.90 10.80 1.86
C CYS A 151 22.22 10.21 2.37
N HIS A 152 23.32 10.94 2.21
CA HIS A 152 24.63 10.39 2.56
C HIS A 152 24.77 10.15 4.04
N LYS A 153 24.24 11.06 4.88
CA LYS A 153 24.35 10.86 6.32
C LYS A 153 23.37 9.79 6.81
N LEU A 154 22.13 9.81 6.29
CA LEU A 154 21.16 8.78 6.60
C LEU A 154 21.76 7.39 6.38
N MET A 155 22.50 7.22 5.28
CA MET A 155 23.22 5.97 5.07
C MET A 155 24.33 5.79 6.11
N GLU A 156 25.00 6.87 6.50
CA GLU A 156 26.06 6.77 7.48
C GLU A 156 25.53 6.50 8.88
N ALA A 157 24.26 6.79 9.15
CA ALA A 157 23.62 6.33 10.36
C ALA A 157 23.06 4.93 10.21
N ALA A 158 22.69 4.55 8.98
CA ALA A 158 22.17 3.20 8.74
C ALA A 158 23.26 2.15 8.84
N ILE A 159 24.49 2.48 8.44
CA ILE A 159 25.58 1.52 8.50
C ILE A 159 25.85 1.07 9.92
N GLN A 160 25.53 1.92 10.91
CA GLN A 160 25.75 1.58 12.30
C GLN A 160 24.57 0.85 12.93
N GLN A 161 23.38 0.97 12.36
CA GLN A 161 22.23 0.23 12.83
C GLN A 161 22.35 -1.24 12.43
N ASP A 162 21.33 -2.02 12.75
CA ASP A 162 21.28 -3.44 12.41
C ASP A 162 19.89 -3.79 11.91
N PRO A 163 19.62 -3.58 10.62
CA PRO A 163 18.31 -3.96 10.07
C PRO A 163 18.12 -5.46 10.10
N VAL A 164 16.97 -5.89 10.62
CA VAL A 164 16.63 -7.30 10.73
C VAL A 164 15.16 -7.50 10.42
N TYR A 165 14.80 -8.74 10.11
CA TYR A 165 13.43 -9.18 10.20
C TYR A 165 13.10 -9.46 11.66
N VAL A 166 11.88 -9.16 12.06
CA VAL A 166 11.45 -9.40 13.44
C VAL A 166 10.23 -10.31 13.42
N ARG A 167 10.15 -11.17 14.43
CA ARG A 167 9.01 -12.07 14.60
C ARG A 167 8.58 -12.03 16.05
N LEU A 168 7.28 -11.87 16.28
CA LEU A 168 6.70 -11.91 17.62
C LEU A 168 5.84 -13.16 17.72
N GLY A 169 6.30 -14.13 18.50
CA GLY A 169 5.52 -15.33 18.76
C GLY A 169 4.43 -15.08 19.78
N ILE A 170 3.20 -14.96 19.30
CA ILE A 170 2.04 -14.73 20.17
C ILE A 170 1.43 -16.10 20.50
N PHE A 171 1.31 -16.39 21.79
CA PHE A 171 0.72 -17.64 22.23
C PHE A 171 -0.36 -17.38 23.27
N ARG A 172 -1.21 -18.38 23.46
CA ARG A 172 -2.31 -18.30 24.42
C ARG A 172 -2.43 -19.63 25.15
N ARG A 173 -2.84 -19.56 26.42
CA ARG A 173 -3.07 -20.77 27.18
C ARG A 173 -4.41 -21.39 26.79
N LEU A 174 -4.56 -22.68 27.11
CA LEU A 174 -5.79 -23.41 26.84
C LEU A 174 -6.29 -24.03 28.14
N ALA A 175 -7.61 -24.09 28.28
CA ALA A 175 -8.20 -24.84 29.37
C ALA A 175 -8.03 -26.33 29.13
N ASN A 176 -7.96 -27.10 30.22
CA ASN A 176 -7.67 -28.54 30.17
C ASN A 176 -6.30 -28.81 29.55
N SER A 177 -5.30 -28.02 29.91
CA SER A 177 -4.10 -28.03 29.08
C SER A 177 -2.84 -27.69 29.85
N SER A 178 -1.72 -28.21 29.35
CA SER A 178 -0.39 -27.69 29.60
C SER A 178 0.30 -27.19 28.34
N GLU A 179 -0.24 -27.50 27.16
CA GLU A 179 0.25 -26.99 25.90
C GLU A 179 -0.44 -25.69 25.52
N VAL A 180 0.20 -24.92 24.64
CA VAL A 180 -0.31 -23.63 24.22
C VAL A 180 -0.45 -23.62 22.70
N GLU A 181 -1.20 -22.64 22.21
CA GLU A 181 -1.41 -22.42 20.79
C GLU A 181 -0.77 -21.11 20.36
N TRP A 182 -0.28 -21.08 19.12
CA TRP A 182 0.35 -19.90 18.56
C TRP A 182 -0.43 -19.40 17.36
N LEU A 183 -0.43 -18.08 17.17
CA LEU A 183 -1.13 -17.47 16.04
C LEU A 183 -0.27 -17.59 14.79
N MET A 184 -0.83 -18.17 13.74
CA MET A 184 -0.10 -18.44 12.50
C MET A 184 -0.75 -17.70 11.34
N LEU A 185 0.09 -17.25 10.41
CA LEU A 185 -0.34 -16.55 9.21
C LEU A 185 0.15 -17.29 7.97
N ARG A 186 -0.43 -16.92 6.82
CA ARG A 186 0.00 -17.45 5.53
C ARG A 186 0.04 -16.29 4.55
N ARG A 187 1.23 -15.73 4.37
CA ARG A 187 1.43 -14.60 3.48
C ARG A 187 1.83 -15.09 2.09
N ILE A 188 1.19 -14.54 1.07
CA ILE A 188 1.45 -14.95 -0.31
C ILE A 188 2.50 -14.01 -0.90
N ASN A 189 3.61 -14.59 -1.35
CA ASN A 189 4.78 -13.83 -1.72
C ASN A 189 4.65 -13.27 -3.14
N ARG A 190 5.30 -12.12 -3.35
CA ARG A 190 5.39 -11.56 -4.70
C ARG A 190 6.01 -12.58 -5.65
N GLU A 191 5.66 -12.46 -6.92
CA GLU A 191 6.23 -13.35 -7.94
C GLU A 191 7.60 -12.90 -8.40
N LEU A 192 8.06 -11.70 -8.00
CA LEU A 192 9.44 -11.28 -8.19
C LEU A 192 10.23 -11.58 -6.91
N ARG A 193 10.50 -12.87 -6.73
CA ARG A 193 11.17 -13.37 -5.54
C ARG A 193 12.29 -14.31 -5.93
N PRO A 194 13.32 -14.41 -5.11
CA PRO A 194 14.47 -15.28 -5.42
C PRO A 194 14.05 -16.74 -5.56
N PRO A 195 14.92 -17.58 -6.14
CA PRO A 195 14.49 -18.94 -6.53
C PRO A 195 14.27 -19.91 -5.37
N ASP A 196 14.63 -19.54 -4.14
CA ASP A 196 14.48 -20.45 -3.01
C ASP A 196 13.33 -20.06 -2.08
N ILE A 197 12.54 -19.07 -2.46
CA ILE A 197 11.42 -18.60 -1.65
C ILE A 197 10.13 -19.16 -2.24
N PRO A 198 9.32 -19.86 -1.46
CA PRO A 198 8.10 -20.48 -2.01
C PRO A 198 7.05 -19.42 -2.33
N PRO A 199 5.94 -19.81 -2.96
CA PRO A 199 4.89 -18.81 -3.24
C PRO A 199 4.14 -18.37 -2.00
N ILE A 200 3.91 -19.29 -1.05
CA ILE A 200 3.13 -19.01 0.16
C ILE A 200 3.98 -19.34 1.36
N SER A 201 4.00 -18.45 2.36
CA SER A 201 4.84 -18.58 3.54
C SER A 201 3.97 -18.71 4.77
N LEU A 202 4.12 -19.84 5.48
CA LEU A 202 3.44 -20.05 6.75
C LEU A 202 4.32 -19.46 7.85
N LYS A 203 3.88 -18.36 8.44
CA LYS A 203 4.71 -17.59 9.35
C LYS A 203 3.94 -17.22 10.61
N LEU A 204 4.70 -16.83 11.63
CA LEU A 204 4.17 -16.15 12.80
C LEU A 204 4.17 -14.65 12.55
N PRO A 205 3.41 -13.87 13.33
CA PRO A 205 3.36 -12.43 13.09
C PRO A 205 4.74 -11.79 13.17
N GLY A 206 4.92 -10.74 12.39
CA GLY A 206 6.17 -9.98 12.38
C GLY A 206 6.64 -9.65 10.97
N LYS A 207 7.37 -8.55 10.85
CA LYS A 207 7.90 -8.12 9.56
C LYS A 207 9.38 -7.77 9.66
N TRP A 208 9.68 -6.48 9.66
CA TRP A 208 11.07 -6.01 9.70
C TRP A 208 11.12 -4.67 10.40
N THR A 209 12.32 -4.31 10.84
CA THR A 209 12.55 -3.01 11.45
C THR A 209 12.55 -1.91 10.40
N LEU A 210 12.08 -0.73 10.80
CA LEU A 210 12.26 0.45 9.99
C LEU A 210 13.57 1.14 10.37
N LEU A 211 13.97 2.10 9.54
CA LEU A 211 15.13 2.91 9.85
C LEU A 211 15.02 3.49 11.25
N TYR A 212 16.07 3.30 12.05
CA TYR A 212 16.23 3.83 13.40
C TYR A 212 15.33 3.13 14.42
N GLU A 213 14.55 2.14 14.00
CA GLU A 213 13.60 1.48 14.89
C GLU A 213 14.27 0.34 15.63
N ARG A 214 14.03 0.26 16.95
CA ARG A 214 14.61 -0.82 17.73
C ARG A 214 13.83 -2.11 17.53
N TYR A 215 14.43 -3.21 17.99
CA TYR A 215 13.91 -4.54 17.73
C TYR A 215 12.49 -4.71 18.25
N LYS A 216 12.30 -4.52 19.56
CA LYS A 216 11.03 -4.87 20.19
C LYS A 216 9.88 -4.00 19.67
N GLU A 217 10.12 -2.71 19.46
CA GLU A 217 9.07 -1.85 18.94
C GLU A 217 8.63 -2.30 17.56
N ALA A 218 9.59 -2.67 16.71
CA ALA A 218 9.24 -3.22 15.40
C ALA A 218 8.38 -4.47 15.55
N ALA A 219 8.79 -5.38 16.43
CA ALA A 219 8.00 -6.58 16.68
C ALA A 219 6.58 -6.22 17.16
N ILE A 220 6.48 -5.19 18.01
CA ILE A 220 5.16 -4.75 18.47
C ILE A 220 4.38 -4.11 17.33
N ARG A 221 5.03 -3.22 16.57
CA ARG A 221 4.36 -2.55 15.46
C ARG A 221 3.87 -3.55 14.42
N THR A 222 4.78 -4.38 13.89
CA THR A 222 4.41 -5.30 12.82
C THR A 222 3.48 -6.41 13.32
N LEU A 223 3.45 -6.68 14.62
CA LEU A 223 2.45 -7.61 15.14
C LEU A 223 1.04 -7.06 14.94
N TRP A 224 0.83 -5.78 15.29
CA TRP A 224 -0.47 -5.17 15.09
C TRP A 224 -0.82 -5.08 13.61
N GLU A 225 0.18 -4.81 12.76
CA GLU A 225 -0.09 -4.62 11.34
C GLU A 225 -0.65 -5.87 10.69
N GLU A 226 -0.29 -7.05 11.20
CA GLU A 226 -0.71 -8.31 10.61
C GLU A 226 -1.81 -9.03 11.39
N THR A 227 -2.08 -8.61 12.62
CA THR A 227 -3.09 -9.26 13.44
C THR A 227 -4.08 -8.30 14.10
N GLY A 228 -3.80 -7.00 14.11
CA GLY A 228 -4.64 -6.08 14.85
C GLY A 228 -4.55 -6.21 16.35
N ILE A 229 -3.66 -7.05 16.85
CA ILE A 229 -3.48 -7.26 18.28
C ILE A 229 -2.44 -6.28 18.79
N THR A 230 -2.72 -5.66 19.93
CA THR A 230 -1.79 -4.75 20.58
C THR A 230 -1.25 -5.41 21.84
N VAL A 231 0.07 -5.53 21.92
CA VAL A 231 0.74 -6.11 23.07
C VAL A 231 1.57 -5.02 23.73
N ASP A 232 1.76 -5.14 25.03
CA ASP A 232 2.55 -4.18 25.78
C ASP A 232 4.02 -4.60 25.77
N ALA A 233 4.90 -3.59 25.77
CA ALA A 233 6.33 -3.86 25.72
C ALA A 233 6.82 -4.66 26.93
N SER A 234 6.15 -4.51 28.07
CA SER A 234 6.54 -5.25 29.26
C SER A 234 6.19 -6.73 29.19
N ASN A 235 5.50 -7.17 28.13
CA ASN A 235 5.11 -8.57 27.99
C ASN A 235 5.78 -9.23 26.79
N VAL A 236 6.74 -8.57 26.15
CA VAL A 236 7.51 -9.14 25.03
C VAL A 236 8.90 -9.46 25.52
N TYR A 237 9.38 -10.67 25.22
CA TYR A 237 10.67 -11.14 25.70
C TYR A 237 11.48 -11.68 24.52
N PRO A 238 12.77 -11.31 24.42
CA PRO A 238 13.59 -11.81 23.31
C PRO A 238 13.93 -13.28 23.49
N THR A 239 13.90 -14.02 22.37
CA THR A 239 14.08 -15.47 22.42
C THR A 239 15.16 -16.01 21.50
N GLY A 240 15.79 -15.20 20.68
CA GLY A 240 16.89 -15.67 19.85
C GLY A 240 16.99 -14.88 18.57
N HIS A 241 17.99 -15.25 17.77
CA HIS A 241 18.22 -14.62 16.48
C HIS A 241 18.98 -15.58 15.59
N LEU A 242 18.65 -15.58 14.31
CA LEU A 242 19.29 -16.42 13.32
C LEU A 242 19.84 -15.58 12.18
N TYR A 243 20.98 -16.01 11.64
CA TYR A 243 21.53 -15.43 10.43
C TYR A 243 22.21 -16.56 9.66
N GLN A 244 21.49 -17.12 8.69
CA GLN A 244 21.95 -18.23 7.87
C GLN A 244 21.90 -17.77 6.41
N THR A 245 23.01 -17.23 5.91
CA THR A 245 23.09 -16.79 4.54
C THR A 245 24.36 -17.32 3.89
N VAL A 246 24.35 -17.36 2.57
CA VAL A 246 25.42 -17.90 1.74
C VAL A 246 25.80 -16.80 0.76
N PRO A 247 27.07 -16.71 0.31
CA PRO A 247 27.47 -15.57 -0.54
C PRO A 247 26.51 -15.22 -1.66
N GLN A 248 25.89 -16.22 -2.30
CA GLN A 248 24.97 -15.93 -3.40
C GLN A 248 23.73 -15.16 -2.93
N TYR A 249 23.42 -15.22 -1.64
CA TYR A 249 22.32 -14.45 -1.08
C TYR A 249 22.86 -13.34 -0.19
N TYR A 250 23.79 -12.54 -0.72
CA TYR A 250 24.50 -11.54 0.07
C TYR A 250 23.59 -10.49 0.69
N TRP A 251 22.35 -10.38 0.21
CA TRP A 251 21.42 -9.36 0.68
C TRP A 251 20.61 -9.79 1.89
N ARG A 252 20.77 -11.03 2.36
CA ARG A 252 19.99 -11.52 3.48
C ARG A 252 20.36 -10.80 4.77
N VAL A 253 19.35 -10.46 5.56
CA VAL A 253 19.56 -9.81 6.85
C VAL A 253 19.19 -10.79 7.96
N PRO A 254 19.72 -10.63 9.18
CA PRO A 254 19.35 -11.56 10.26
C PRO A 254 17.90 -11.43 10.68
N VAL A 255 17.47 -12.25 11.64
CA VAL A 255 16.10 -12.20 12.13
C VAL A 255 16.12 -12.32 13.65
N ARG A 256 15.40 -11.41 14.32
CA ARG A 256 15.28 -11.40 15.77
C ARG A 256 13.92 -11.95 16.18
N TYR A 257 13.90 -12.76 17.22
CA TYR A 257 12.69 -13.45 17.66
C TYR A 257 12.26 -12.97 19.05
N PHE A 258 10.95 -12.93 19.26
CA PHE A 258 10.35 -12.50 20.50
C PHE A 258 9.12 -13.36 20.79
N VAL A 259 8.65 -13.31 22.03
CA VAL A 259 7.43 -14.00 22.43
C VAL A 259 6.60 -13.10 23.34
N ALA A 260 5.34 -13.47 23.49
CA ALA A 260 4.36 -12.76 24.32
C ALA A 260 3.10 -13.61 24.39
N GLU A 261 2.40 -13.51 25.52
CA GLU A 261 1.15 -14.23 25.73
C GLU A 261 -0.01 -13.25 25.73
N VAL A 262 -1.06 -13.60 25.00
CA VAL A 262 -2.27 -12.78 24.92
C VAL A 262 -3.38 -13.52 25.66
N PRO A 263 -4.43 -12.83 26.11
CA PRO A 263 -5.53 -13.53 26.78
C PRO A 263 -6.26 -14.42 25.78
N SER A 264 -6.81 -15.53 26.31
CA SER A 264 -7.37 -16.57 25.44
C SER A 264 -8.51 -16.04 24.58
N ASP A 265 -9.19 -14.98 25.02
CA ASP A 265 -10.33 -14.43 24.31
C ASP A 265 -9.97 -13.16 23.54
N ILE A 266 -8.72 -13.03 23.08
CA ILE A 266 -8.28 -11.80 22.45
C ILE A 266 -8.92 -11.67 21.07
N ARG A 267 -9.25 -10.45 20.69
CA ARG A 267 -9.86 -10.14 19.40
C ARG A 267 -8.78 -10.18 18.33
N VAL A 268 -8.85 -11.16 17.43
CA VAL A 268 -7.90 -11.30 16.34
C VAL A 268 -8.56 -10.70 15.09
N GLU A 269 -8.25 -9.44 14.81
CA GLU A 269 -8.83 -8.77 13.66
C GLU A 269 -8.16 -9.16 12.35
N GLY A 270 -6.89 -9.56 12.41
CA GLY A 270 -6.17 -9.93 11.21
C GLY A 270 -5.36 -8.78 10.65
N PRO A 271 -4.87 -8.94 9.42
CA PRO A 271 -4.01 -7.92 8.82
C PRO A 271 -4.70 -6.57 8.72
N GLN A 272 -4.04 -5.53 9.22
CA GLN A 272 -4.50 -4.16 9.12
C GLN A 272 -3.78 -3.37 8.04
N VAL A 273 -2.65 -3.88 7.55
CA VAL A 273 -1.92 -3.29 6.44
C VAL A 273 -1.77 -4.35 5.36
N VAL A 274 -1.84 -3.93 4.10
CA VAL A 274 -1.84 -4.78 2.91
C VAL A 274 -2.57 -6.09 3.17
N PRO A 275 -3.87 -6.05 3.48
CA PRO A 275 -4.55 -7.29 3.90
C PRO A 275 -4.75 -8.28 2.77
N LEU A 276 -4.90 -7.82 1.52
CA LEU A 276 -5.05 -8.75 0.41
C LEU A 276 -3.78 -9.49 0.06
N GLN A 277 -2.68 -9.22 0.78
CA GLN A 277 -1.43 -9.96 0.61
C GLN A 277 -1.34 -11.17 1.53
N TYR A 278 -2.47 -11.62 2.08
CA TYR A 278 -2.51 -12.77 2.96
C TYR A 278 -3.66 -13.67 2.55
N MET A 279 -3.51 -14.96 2.83
CA MET A 279 -4.55 -15.93 2.50
C MET A 279 -5.78 -15.69 3.38
N ARG A 280 -6.93 -15.51 2.73
CA ARG A 280 -8.20 -15.36 3.43
C ARG A 280 -9.32 -15.60 2.42
N ASN A 281 -10.46 -16.08 2.94
CA ASN A 281 -11.63 -16.40 2.12
C ASN A 281 -11.32 -17.48 1.09
N TRP A 282 -10.65 -18.52 1.55
CA TRP A 282 -10.39 -19.69 0.71
C TRP A 282 -11.60 -20.61 0.70
N ASP A 283 -11.62 -21.54 -0.25
CA ASP A 283 -12.67 -22.55 -0.29
C ASP A 283 -12.28 -23.69 0.63
N ALA A 284 -13.14 -23.97 1.62
CA ALA A 284 -12.79 -24.92 2.66
C ALA A 284 -12.53 -26.33 2.11
N ARG A 285 -13.35 -26.76 1.14
CA ARG A 285 -13.23 -28.12 0.60
C ARG A 285 -12.11 -28.20 -0.43
N LEU A 286 -11.99 -27.19 -1.30
CA LEU A 286 -10.95 -27.17 -2.33
C LEU A 286 -9.57 -27.38 -1.71
N LEU A 287 -9.27 -26.63 -0.65
CA LEU A 287 -7.97 -26.74 -0.01
C LEU A 287 -7.88 -27.95 0.91
N ARG A 288 -9.01 -28.55 1.30
CA ARG A 288 -8.98 -29.73 2.15
C ARG A 288 -8.42 -30.96 1.44
N GLN A 289 -8.50 -31.01 0.11
CA GLN A 289 -7.98 -32.12 -0.66
C GLN A 289 -6.60 -31.84 -1.24
N SER A 290 -6.03 -30.68 -0.95
CA SER A 290 -4.69 -30.37 -1.45
C SER A 290 -3.69 -31.38 -0.93
N PRO A 291 -2.73 -31.82 -1.76
CA PRO A 291 -1.74 -32.80 -1.28
C PRO A 291 -0.76 -32.23 -0.28
N ASP A 292 -0.62 -30.92 -0.21
CA ASP A 292 0.30 -30.30 0.75
C ASP A 292 -0.29 -30.38 2.15
N PRO A 293 0.41 -30.96 3.12
CA PRO A 293 -0.17 -31.08 4.47
C PRO A 293 -0.46 -29.75 5.13
N ILE A 294 0.20 -28.67 4.72
CA ILE A 294 -0.04 -27.37 5.34
C ILE A 294 -1.43 -26.87 4.98
N ASP A 295 -1.79 -26.97 3.71
CA ASP A 295 -3.15 -26.63 3.30
C ASP A 295 -4.16 -27.42 4.13
N ARG A 296 -4.11 -28.75 4.06
CA ARG A 296 -5.00 -29.59 4.85
C ARG A 296 -5.05 -29.17 6.32
N ALA A 297 -3.95 -28.62 6.84
CA ALA A 297 -3.95 -28.07 8.19
C ALA A 297 -4.62 -26.71 8.23
N TRP A 298 -4.44 -25.90 7.17
CA TRP A 298 -5.04 -24.57 7.13
C TRP A 298 -6.57 -24.65 7.12
N ALA A 299 -7.15 -25.57 6.33
CA ALA A 299 -8.60 -25.71 6.29
C ALA A 299 -9.15 -26.07 7.67
N GLN A 300 -8.49 -27.00 8.36
CA GLN A 300 -9.02 -27.54 9.59
C GLN A 300 -8.96 -26.53 10.72
N LEU A 301 -8.03 -25.58 10.66
CA LEU A 301 -7.74 -24.74 11.81
C LEU A 301 -7.88 -23.24 11.56
N ALA A 302 -7.70 -22.76 10.33
CA ALA A 302 -7.60 -21.33 10.13
C ALA A 302 -8.98 -20.69 9.98
N ASP A 303 -9.04 -19.39 10.28
CA ASP A 303 -10.26 -18.61 10.13
C ASP A 303 -10.24 -17.93 8.76
N PRO A 304 -11.17 -18.23 7.86
CA PRO A 304 -11.14 -17.60 6.54
C PRO A 304 -11.46 -16.12 6.56
N ALA A 305 -12.13 -15.62 7.60
CA ALA A 305 -12.47 -14.20 7.66
C ALA A 305 -11.26 -13.33 8.00
N THR A 306 -10.30 -13.87 8.76
CA THR A 306 -9.13 -13.13 9.18
C THR A 306 -7.82 -13.64 8.61
N GLY A 307 -7.75 -14.91 8.23
CA GLY A 307 -6.49 -15.47 7.77
C GLY A 307 -5.54 -15.87 8.87
N CYS A 308 -6.07 -16.25 10.03
CA CYS A 308 -5.27 -16.57 11.19
C CYS A 308 -5.69 -17.93 11.75
N ALA A 309 -4.75 -18.60 12.41
CA ALA A 309 -4.98 -19.92 12.96
C ALA A 309 -4.15 -20.10 14.22
N TRP A 310 -4.72 -20.80 15.20
CA TRP A 310 -4.02 -21.16 16.43
C TRP A 310 -3.55 -22.59 16.31
N MET A 311 -2.24 -22.81 16.47
CA MET A 311 -1.64 -24.12 16.27
C MET A 311 -0.69 -24.44 17.40
N LYS A 312 -0.60 -25.73 17.74
CA LYS A 312 0.33 -26.20 18.74
C LYS A 312 1.74 -26.34 18.17
N ALA A 313 2.73 -26.27 19.06
CA ALA A 313 4.11 -26.31 18.61
C ALA A 313 4.49 -27.66 18.03
N SER A 314 3.83 -28.74 18.47
CA SER A 314 4.08 -30.04 17.86
C SER A 314 3.63 -30.08 16.41
N MET A 315 2.60 -29.31 16.06
CA MET A 315 2.17 -29.23 14.67
C MET A 315 3.08 -28.32 13.85
N ILE A 316 3.47 -27.17 14.42
CA ILE A 316 4.30 -26.21 13.67
C ILE A 316 5.60 -26.86 13.21
N ASP A 317 6.34 -27.46 14.16
CA ASP A 317 7.60 -28.11 13.81
C ASP A 317 7.41 -29.21 12.79
N GLN A 318 6.28 -29.91 12.85
CA GLN A 318 5.99 -30.94 11.86
C GLN A 318 5.72 -30.32 10.49
N LEU A 319 4.92 -29.26 10.45
CA LEU A 319 4.63 -28.59 9.18
C LEU A 319 5.90 -27.95 8.63
N GLN A 320 6.69 -27.30 9.48
CA GLN A 320 7.91 -26.64 9.04
C GLN A 320 9.06 -27.61 8.83
N LYS A 321 8.94 -28.86 9.28
CA LYS A 321 10.02 -29.83 9.14
C LYS A 321 10.53 -29.98 7.71
N PRO A 322 9.68 -30.12 6.68
CA PRO A 322 10.24 -30.26 5.32
C PRO A 322 11.07 -29.07 4.87
N LEU A 323 10.56 -27.85 5.01
CA LEU A 323 11.25 -26.66 4.51
C LEU A 323 12.10 -25.96 5.56
N ARG A 324 12.32 -26.57 6.73
CA ARG A 324 13.11 -25.92 7.78
C ARG A 324 13.97 -26.89 8.58
N GLY A 325 13.37 -27.97 9.07
CA GLY A 325 14.06 -28.97 9.85
C GLY A 325 13.42 -29.17 11.20
N ASP A 326 14.18 -29.80 12.10
CA ASP A 326 13.70 -30.13 13.43
C ASP A 326 13.83 -28.94 14.38
N ASN A 327 13.15 -29.04 15.52
CA ASN A 327 13.23 -28.06 16.60
C ASN A 327 12.92 -26.65 16.11
N TYR A 328 11.94 -26.53 15.21
CA TYR A 328 11.65 -25.24 14.60
C TYR A 328 11.22 -24.23 15.65
N MET A 329 10.30 -24.60 16.54
CA MET A 329 9.85 -23.67 17.58
C MET A 329 10.87 -23.54 18.70
N ALA A 330 11.48 -24.66 19.11
CA ALA A 330 12.39 -24.62 20.26
C ALA A 330 13.65 -23.82 19.98
N ILE A 331 14.08 -23.75 18.71
CA ILE A 331 15.27 -23.00 18.38
C ILE A 331 14.99 -21.50 18.39
N ARG A 332 13.78 -21.09 18.02
CA ARG A 332 13.46 -19.68 17.83
C ARG A 332 12.73 -19.04 19.00
N TYR A 333 11.75 -19.72 19.59
CA TYR A 333 10.79 -19.09 20.50
C TYR A 333 10.87 -19.67 21.91
N THR A 334 12.07 -20.01 22.37
CA THR A 334 12.24 -20.48 23.74
C THR A 334 12.41 -19.30 24.68
N PRO A 335 11.50 -19.09 25.63
CA PRO A 335 11.55 -17.88 26.46
C PRO A 335 12.76 -17.87 27.38
N PRO A 336 13.18 -16.70 27.85
CA PRO A 336 14.27 -16.64 28.83
C PRO A 336 13.75 -17.00 30.21
N PRO A 337 14.62 -17.51 31.10
CA PRO A 337 14.14 -17.92 32.42
C PRO A 337 13.54 -16.80 33.25
N TYR A 338 14.03 -15.57 33.11
CA TYR A 338 13.54 -14.48 33.95
C TYR A 338 12.10 -14.09 33.65
N SER A 339 11.50 -14.63 32.60
CA SER A 339 10.14 -14.28 32.22
C SER A 339 9.08 -15.15 32.88
N ASN A 340 9.47 -16.22 33.58
CA ASN A 340 8.55 -17.19 34.14
C ASN A 340 7.64 -17.78 33.06
N LEU A 341 8.15 -17.91 31.84
CA LEU A 341 7.38 -18.36 30.71
C LEU A 341 7.83 -19.70 30.14
N GLN A 342 9.04 -20.15 30.48
CA GLN A 342 9.54 -21.41 29.93
C GLN A 342 8.62 -22.58 30.28
N GLU A 343 8.14 -22.63 31.53
CA GLU A 343 7.30 -23.74 31.96
C GLU A 343 5.97 -23.74 31.23
N VAL A 344 5.35 -22.57 31.07
CA VAL A 344 4.03 -22.52 30.45
C VAL A 344 4.13 -22.69 28.93
N VAL A 345 5.21 -22.23 28.31
CA VAL A 345 5.37 -22.40 26.87
C VAL A 345 5.60 -23.87 26.53
N GLY A 346 6.44 -24.55 27.29
CA GLY A 346 6.69 -25.95 27.06
C GLY A 346 7.79 -26.26 26.08
N LEU A 347 8.73 -25.34 25.87
CA LEU A 347 9.89 -25.61 25.04
C LEU A 347 11.16 -25.85 25.85
N GLY A 348 11.18 -25.43 27.12
CA GLY A 348 12.30 -25.70 28.00
C GLY A 348 13.52 -24.84 27.75
N VAL B 27 -8.59 5.76 10.82
CA VAL B 27 -9.93 5.90 10.25
C VAL B 27 -10.59 4.53 10.11
N HIS B 28 -11.92 4.49 10.02
CA HIS B 28 -12.69 3.26 10.06
C HIS B 28 -13.01 2.83 8.63
N LEU B 29 -12.25 1.87 8.12
CA LEU B 29 -12.40 1.38 6.76
C LEU B 29 -13.04 0.00 6.80
N GLN B 30 -13.89 -0.28 5.80
CA GLN B 30 -14.81 -1.40 5.81
C GLN B 30 -15.84 -1.18 6.91
N GLN B 31 -16.95 -0.52 6.58
CA GLN B 31 -17.97 -0.23 7.57
C GLN B 31 -19.08 -1.28 7.57
N SER B 44 -32.86 -2.08 -7.09
CA SER B 44 -33.55 -3.36 -7.24
C SER B 44 -32.66 -4.55 -6.91
N THR B 45 -33.12 -5.73 -7.31
CA THR B 45 -32.41 -6.97 -7.02
C THR B 45 -31.53 -7.38 -8.19
N ILE B 46 -30.40 -7.99 -7.87
CA ILE B 46 -29.46 -8.49 -8.87
C ILE B 46 -29.75 -9.96 -9.14
N GLN B 47 -29.74 -10.33 -10.41
CA GLN B 47 -30.01 -11.70 -10.82
C GLN B 47 -28.77 -12.29 -11.48
N LEU B 48 -28.25 -13.37 -10.90
CA LEU B 48 -27.02 -14.00 -11.36
C LEU B 48 -27.34 -15.27 -12.14
N GLU B 49 -26.53 -15.54 -13.16
CA GLU B 49 -26.67 -16.73 -13.99
C GLU B 49 -25.45 -17.62 -13.74
N LYS B 50 -25.69 -18.77 -13.11
CA LYS B 50 -24.61 -19.70 -12.83
C LYS B 50 -24.11 -20.34 -14.12
N LEU B 51 -22.80 -20.26 -14.36
CA LEU B 51 -22.17 -20.85 -15.52
C LEU B 51 -21.63 -22.22 -15.12
N SER B 52 -22.23 -23.28 -15.68
CA SER B 52 -21.84 -24.64 -15.30
C SER B 52 -20.36 -24.90 -15.52
N HIS B 53 -19.77 -24.27 -16.53
CA HIS B 53 -18.35 -24.41 -16.82
C HIS B 53 -17.84 -23.04 -17.27
N PRO B 54 -16.63 -22.66 -16.88
CA PRO B 54 -16.15 -21.33 -17.21
C PRO B 54 -15.83 -21.21 -18.70
N PRO B 55 -16.00 -20.04 -19.29
CA PRO B 55 -15.60 -19.86 -20.68
C PRO B 55 -14.09 -19.86 -20.82
N ALA B 56 -13.63 -20.33 -21.98
CA ALA B 56 -12.21 -20.55 -22.23
C ALA B 56 -11.37 -19.30 -22.03
N ARG B 57 -11.91 -18.14 -22.38
CA ARG B 57 -11.09 -16.95 -22.26
C ARG B 57 -10.88 -16.49 -20.83
N PHE B 58 -11.22 -17.32 -19.85
CA PHE B 58 -11.02 -16.97 -18.45
C PHE B 58 -10.14 -17.98 -17.70
N ASP B 59 -10.32 -19.27 -17.95
CA ASP B 59 -9.53 -20.28 -17.23
C ASP B 59 -8.11 -20.36 -17.79
N SER B 64 -14.03 -23.63 -8.17
CA SER B 64 -14.22 -22.19 -8.41
C SER B 64 -15.46 -21.93 -9.25
N PHE B 65 -16.58 -21.66 -8.59
CA PHE B 65 -17.83 -21.38 -9.28
C PHE B 65 -17.74 -20.04 -10.00
N VAL B 66 -18.50 -19.91 -11.09
CA VAL B 66 -18.52 -18.71 -11.92
C VAL B 66 -19.97 -18.32 -12.19
N TYR B 67 -20.30 -17.06 -11.94
CA TYR B 67 -21.63 -16.52 -12.16
C TYR B 67 -21.56 -15.31 -13.09
N LYS B 68 -22.68 -15.01 -13.74
CA LYS B 68 -22.77 -13.94 -14.71
C LYS B 68 -23.87 -12.96 -14.33
N TRP B 69 -23.67 -11.69 -14.67
CA TRP B 69 -24.63 -10.64 -14.37
C TRP B 69 -24.75 -9.72 -15.59
N GLN B 70 -25.91 -9.74 -16.24
CA GLN B 70 -26.20 -8.87 -17.36
C GLN B 70 -26.92 -7.63 -16.85
N THR B 71 -26.36 -6.45 -17.13
CA THR B 71 -26.95 -5.20 -16.65
C THR B 71 -26.42 -4.05 -17.50
N LYS B 72 -26.67 -2.83 -17.03
CA LYS B 72 -26.21 -1.62 -17.67
C LYS B 72 -25.03 -1.03 -16.91
N ALA B 73 -24.30 -0.14 -17.59
CA ALA B 73 -23.17 0.52 -16.95
C ALA B 73 -23.61 1.38 -15.78
N ALA B 74 -24.88 1.79 -15.72
CA ALA B 74 -25.35 2.59 -14.61
C ALA B 74 -25.19 1.86 -13.28
N LEU B 75 -25.36 0.53 -13.29
CA LEU B 75 -25.29 -0.29 -12.08
C LEU B 75 -23.95 -0.98 -11.91
N ALA B 76 -23.43 -1.60 -12.99
CA ALA B 76 -22.14 -2.28 -12.89
C ALA B 76 -21.03 -1.32 -12.47
N ARG B 77 -21.16 -0.05 -12.82
CA ARG B 77 -20.21 0.97 -12.37
C ARG B 77 -20.15 1.02 -10.85
N LYS B 78 -21.30 0.89 -10.18
CA LYS B 78 -21.34 1.05 -8.73
C LYS B 78 -20.72 -0.13 -8.00
N VAL B 79 -20.69 -1.31 -8.60
CA VAL B 79 -20.07 -2.46 -7.95
C VAL B 79 -18.58 -2.56 -8.25
N SER B 80 -18.10 -1.91 -9.31
CA SER B 80 -16.66 -1.81 -9.50
C SER B 80 -16.06 -0.69 -8.66
N GLY B 81 -16.75 0.45 -8.58
CA GLY B 81 -16.34 1.52 -7.72
C GLY B 81 -15.57 2.62 -8.45
N PRO B 82 -15.15 3.63 -7.70
CA PRO B 82 -14.45 4.77 -8.34
C PRO B 82 -13.19 4.38 -9.08
N MET B 83 -12.39 3.44 -8.55
CA MET B 83 -11.19 2.99 -9.25
C MET B 83 -10.91 1.52 -8.93
N ARG B 84 -11.96 0.69 -9.01
CA ARG B 84 -11.93 -0.74 -8.70
C ARG B 84 -11.71 -1.01 -7.22
N GLU B 85 -11.70 0.05 -6.39
CA GLU B 85 -11.60 -0.09 -4.95
C GLU B 85 -12.81 -0.77 -4.33
N TRP B 86 -14.00 -0.50 -4.86
CA TRP B 86 -15.18 -1.21 -4.40
C TRP B 86 -15.16 -2.67 -4.86
N ALA B 87 -14.59 -2.91 -6.04
CA ALA B 87 -14.39 -4.29 -6.49
C ALA B 87 -13.35 -4.99 -5.63
N ALA B 88 -12.29 -4.27 -5.24
CA ALA B 88 -11.33 -4.83 -4.29
C ALA B 88 -11.93 -4.91 -2.89
N GLU B 89 -12.90 -4.06 -2.57
CA GLU B 89 -13.57 -4.13 -1.27
C GLU B 89 -14.41 -5.39 -1.18
N LEU B 90 -15.18 -5.70 -2.22
CA LEU B 90 -15.91 -6.97 -2.26
C LEU B 90 -14.94 -8.14 -2.25
N LYS B 91 -13.75 -7.97 -2.81
CA LYS B 91 -12.73 -9.01 -2.74
C LYS B 91 -12.27 -9.23 -1.31
N TYR B 92 -12.02 -8.15 -0.57
CA TYR B 92 -11.64 -8.28 0.83
C TYR B 92 -12.73 -8.97 1.64
N ARG B 93 -13.99 -8.56 1.42
CA ARG B 93 -15.08 -9.03 2.27
C ARG B 93 -15.47 -10.47 1.98
N THR B 94 -15.48 -10.87 0.71
CA THR B 94 -15.99 -12.18 0.32
C THR B 94 -14.98 -13.05 -0.40
N GLY B 95 -13.85 -12.50 -0.85
CA GLY B 95 -12.91 -13.27 -1.64
C GLY B 95 -13.29 -13.45 -3.08
N VAL B 96 -14.34 -12.78 -3.54
CA VAL B 96 -14.84 -12.94 -4.90
C VAL B 96 -14.16 -11.91 -5.80
N HIS B 97 -13.64 -12.38 -6.94
CA HIS B 97 -13.04 -11.51 -7.93
C HIS B 97 -14.07 -11.14 -8.99
N ILE B 98 -14.08 -9.87 -9.38
CA ILE B 98 -15.04 -9.34 -10.33
C ILE B 98 -14.31 -8.91 -11.59
N GLU B 99 -14.98 -9.06 -12.74
CA GLU B 99 -14.45 -8.55 -13.99
C GLU B 99 -15.60 -8.16 -14.90
N LEU B 100 -15.54 -6.95 -15.43
CA LEU B 100 -16.61 -6.36 -16.23
C LEU B 100 -16.26 -6.47 -17.71
N GLU B 101 -17.31 -6.53 -18.54
CA GLU B 101 -17.13 -6.64 -19.98
C GLU B 101 -18.28 -5.94 -20.69
N PRO B 102 -18.00 -5.06 -21.66
CA PRO B 102 -19.08 -4.54 -22.50
C PRO B 102 -19.65 -5.64 -23.36
N THR B 103 -20.97 -5.77 -23.36
CA THR B 103 -21.60 -6.89 -24.06
C THR B 103 -21.48 -6.73 -25.57
N TYR B 104 -21.67 -5.52 -26.09
CA TYR B 104 -21.58 -5.24 -27.52
C TYR B 104 -20.59 -4.10 -27.75
N PRO B 105 -19.28 -4.38 -27.64
CA PRO B 105 -18.27 -3.33 -27.91
C PRO B 105 -18.28 -2.80 -29.33
N GLU B 106 -19.00 -3.42 -30.27
CA GLU B 106 -19.16 -2.83 -31.59
C GLU B 106 -19.84 -1.46 -31.49
N ARG B 107 -20.86 -1.37 -30.65
CA ARG B 107 -21.63 -0.13 -30.53
C ARG B 107 -20.81 1.02 -29.98
N LEU B 108 -19.67 0.75 -29.34
CA LEU B 108 -18.83 1.81 -28.81
C LEU B 108 -17.95 2.45 -29.87
N SER B 109 -17.85 1.86 -31.05
CA SER B 109 -17.13 2.46 -32.17
C SER B 109 -18.06 3.18 -33.14
N GLU B 110 -19.36 3.19 -32.86
CA GLU B 110 -20.32 3.92 -33.67
C GLU B 110 -20.52 5.32 -33.09
N ASN B 111 -20.58 6.32 -33.97
CA ASN B 111 -20.84 7.69 -33.58
C ASN B 111 -22.27 8.13 -33.89
N ALA B 112 -23.10 7.24 -34.43
CA ALA B 112 -24.49 7.55 -34.73
C ALA B 112 -25.41 6.44 -34.25
N GLN B 125 -31.50 -2.34 -32.39
CA GLN B 125 -30.71 -3.02 -31.38
C GLN B 125 -29.22 -2.78 -31.55
N TRP B 126 -28.82 -2.01 -32.56
CA TRP B 126 -27.43 -1.68 -32.81
C TRP B 126 -27.31 -0.16 -32.96
N GLY B 127 -26.07 0.32 -32.95
CA GLY B 127 -25.79 1.74 -33.07
C GLY B 127 -25.22 2.32 -31.78
N ALA B 128 -24.96 3.62 -31.84
CA ALA B 128 -24.31 4.30 -30.73
C ALA B 128 -25.20 4.30 -29.48
N TYR B 129 -24.55 4.40 -28.33
CA TYR B 129 -25.24 4.58 -27.07
C TYR B 129 -25.48 6.07 -26.82
N GLU B 130 -26.70 6.41 -26.40
CA GLU B 130 -27.03 7.81 -26.21
C GLU B 130 -26.39 8.39 -24.95
N THR B 131 -26.22 7.59 -23.91
CA THR B 131 -25.45 7.99 -22.73
C THR B 131 -24.69 6.78 -22.20
N ALA B 132 -23.64 7.05 -21.42
CA ALA B 132 -22.81 6.00 -20.86
C ALA B 132 -23.59 5.06 -19.96
N ASP B 133 -24.74 5.48 -19.44
CA ASP B 133 -25.52 4.64 -18.53
C ASP B 133 -26.26 3.52 -19.26
N ASP B 134 -26.54 3.68 -20.56
CA ASP B 134 -27.22 2.66 -21.32
C ASP B 134 -26.30 1.58 -21.84
N VAL B 135 -24.98 1.71 -21.63
CA VAL B 135 -24.03 0.73 -22.14
C VAL B 135 -24.29 -0.62 -21.46
N ASP B 136 -24.38 -1.67 -22.28
CA ASP B 136 -24.63 -3.01 -21.77
C ASP B 136 -23.33 -3.60 -21.22
N ILE B 137 -23.35 -3.99 -19.95
CA ILE B 137 -22.17 -4.51 -19.27
C ILE B 137 -22.46 -5.93 -18.81
N THR B 138 -21.48 -6.82 -19.00
CA THR B 138 -21.52 -8.18 -18.50
C THR B 138 -20.51 -8.31 -17.37
N VAL B 139 -20.98 -8.69 -16.19
CA VAL B 139 -20.15 -8.82 -15.00
C VAL B 139 -19.99 -10.29 -14.66
N TYR B 140 -18.75 -10.73 -14.47
CA TYR B 140 -18.45 -12.09 -14.09
C TYR B 140 -17.94 -12.13 -12.65
N LEU B 141 -18.36 -13.16 -11.92
CA LEU B 141 -18.01 -13.33 -10.51
C LEU B 141 -17.32 -14.67 -10.33
N PHE B 142 -16.15 -14.66 -9.69
CA PHE B 142 -15.36 -15.86 -9.44
C PHE B 142 -15.17 -16.01 -7.93
N GLY B 143 -15.67 -17.11 -7.38
CA GLY B 143 -15.49 -17.35 -5.97
C GLY B 143 -16.14 -18.65 -5.53
N SER B 144 -16.13 -18.88 -4.22
CA SER B 144 -16.77 -20.05 -3.65
C SER B 144 -18.29 -19.91 -3.70
N GLU B 145 -18.98 -20.99 -3.31
CA GLU B 145 -20.44 -20.96 -3.29
C GLU B 145 -20.94 -19.95 -2.27
N ARG B 146 -20.38 -19.96 -1.07
CA ARG B 146 -20.77 -18.98 -0.06
C ARG B 146 -20.24 -17.59 -0.39
N GLY B 147 -19.11 -17.51 -1.08
CA GLY B 147 -18.56 -16.21 -1.43
C GLY B 147 -19.48 -15.40 -2.31
N ILE B 148 -19.95 -16.01 -3.41
CA ILE B 148 -20.87 -15.33 -4.32
C ILE B 148 -22.09 -14.85 -3.58
N PHE B 149 -22.61 -15.66 -2.65
CA PHE B 149 -23.79 -15.30 -1.90
C PHE B 149 -23.55 -14.04 -1.07
N ASN B 150 -22.52 -14.05 -0.23
CA ASN B 150 -22.19 -12.85 0.54
C ASN B 150 -21.87 -11.67 -0.38
N CYS B 151 -21.26 -11.95 -1.54
CA CYS B 151 -21.01 -10.89 -2.51
C CYS B 151 -22.33 -10.36 -3.08
N HIS B 152 -23.24 -11.26 -3.42
CA HIS B 152 -24.51 -10.85 -4.04
C HIS B 152 -25.28 -9.88 -3.15
N LYS B 153 -25.20 -10.05 -1.83
CA LYS B 153 -25.87 -9.12 -0.93
C LYS B 153 -25.18 -7.76 -0.93
N LEU B 154 -23.85 -7.75 -0.82
CA LEU B 154 -23.12 -6.49 -0.79
C LEU B 154 -23.36 -5.68 -2.05
N MET B 155 -23.43 -6.33 -3.21
CA MET B 155 -23.67 -5.61 -4.45
C MET B 155 -25.10 -5.09 -4.53
N GLU B 156 -26.07 -5.82 -3.96
CA GLU B 156 -27.43 -5.31 -3.93
C GLU B 156 -27.53 -4.05 -3.08
N ALA B 157 -26.73 -3.97 -2.01
CA ALA B 157 -26.63 -2.73 -1.25
C ALA B 157 -25.72 -1.71 -1.93
N ALA B 158 -24.69 -2.18 -2.64
CA ALA B 158 -23.76 -1.27 -3.30
C ALA B 158 -24.43 -0.52 -4.43
N ILE B 159 -25.27 -1.20 -5.22
CA ILE B 159 -25.97 -0.55 -6.32
C ILE B 159 -27.02 0.43 -5.86
N GLN B 160 -27.37 0.42 -4.57
CA GLN B 160 -28.40 1.32 -4.06
C GLN B 160 -27.83 2.71 -3.74
N GLN B 161 -26.54 2.80 -3.44
CA GLN B 161 -25.92 4.07 -3.09
C GLN B 161 -25.18 4.63 -4.30
N ASP B 162 -24.43 5.71 -4.07
CA ASP B 162 -23.78 6.46 -5.14
C ASP B 162 -22.28 6.60 -4.87
N PRO B 163 -21.46 5.72 -5.44
CA PRO B 163 -20.01 5.90 -5.29
C PRO B 163 -19.52 7.07 -6.12
N VAL B 164 -18.66 7.89 -5.52
CA VAL B 164 -18.16 9.10 -6.16
C VAL B 164 -16.71 9.33 -5.80
N TYR B 165 -16.04 10.15 -6.59
CA TYR B 165 -14.84 10.82 -6.15
C TYR B 165 -15.22 12.01 -5.29
N VAL B 166 -14.39 12.31 -4.29
CA VAL B 166 -14.61 13.42 -3.39
C VAL B 166 -13.41 14.35 -3.46
N ARG B 167 -13.68 15.65 -3.36
CA ARG B 167 -12.64 16.67 -3.31
C ARG B 167 -12.95 17.61 -2.17
N LEU B 168 -11.96 17.87 -1.32
CA LEU B 168 -12.11 18.72 -0.15
C LEU B 168 -11.18 19.93 -0.31
N GLY B 169 -11.74 21.03 -0.80
CA GLY B 169 -10.97 22.24 -1.01
C GLY B 169 -10.57 22.94 0.27
N ILE B 170 -9.34 22.71 0.71
CA ILE B 170 -8.81 23.34 1.91
C ILE B 170 -8.21 24.69 1.51
N PHE B 171 -8.70 25.76 2.12
CA PHE B 171 -8.17 27.10 1.88
C PHE B 171 -7.79 27.74 3.21
N ARG B 172 -6.99 28.80 3.13
CA ARG B 172 -6.56 29.53 4.32
C ARG B 172 -6.47 31.01 4.00
N ARG B 173 -6.71 31.82 5.03
CA ARG B 173 -6.56 33.27 4.91
C ARG B 173 -5.11 33.67 5.13
N LEU B 174 -4.65 34.63 4.34
CA LEU B 174 -3.30 35.17 4.47
C LEU B 174 -3.40 36.66 4.81
N ALA B 175 -2.54 37.10 5.74
CA ALA B 175 -2.57 38.49 6.19
C ALA B 175 -2.18 39.43 5.06
N ASN B 176 -2.73 40.64 5.11
CA ASN B 176 -2.47 41.72 4.15
C ASN B 176 -2.92 41.39 2.74
N SER B 177 -3.51 40.21 2.52
CA SER B 177 -3.94 39.79 1.20
C SER B 177 -5.45 39.79 1.12
N SER B 178 -5.96 39.99 -0.09
CA SER B 178 -7.40 39.95 -0.33
C SER B 178 -7.90 38.52 -0.56
N GLU B 179 -7.11 37.71 -1.25
CA GLU B 179 -7.53 36.37 -1.66
C GLU B 179 -6.99 35.31 -0.70
N VAL B 180 -7.45 34.08 -0.90
CA VAL B 180 -7.08 32.95 -0.06
C VAL B 180 -6.29 31.96 -0.89
N GLU B 181 -5.46 31.17 -0.21
CA GLU B 181 -4.63 30.15 -0.85
C GLU B 181 -5.20 28.76 -0.60
N TRP B 182 -5.23 27.94 -1.64
CA TRP B 182 -5.72 26.57 -1.56
C TRP B 182 -4.55 25.61 -1.60
N LEU B 183 -4.73 24.45 -0.96
CA LEU B 183 -3.69 23.44 -0.88
C LEU B 183 -3.73 22.55 -2.12
N MET B 184 -2.58 22.43 -2.79
CA MET B 184 -2.48 21.66 -4.02
C MET B 184 -1.59 20.44 -3.84
N LEU B 185 -1.79 19.46 -4.71
CA LEU B 185 -1.00 18.24 -4.74
C LEU B 185 -0.82 17.81 -6.18
N ARG B 186 0.21 16.99 -6.41
CA ARG B 186 0.48 16.43 -7.74
C ARG B 186 0.61 14.93 -7.60
N ARG B 187 -0.35 14.20 -8.15
CA ARG B 187 -0.43 12.75 -8.01
C ARG B 187 0.15 12.08 -9.26
N ILE B 188 1.17 11.24 -9.06
CA ILE B 188 1.74 10.47 -10.15
C ILE B 188 0.80 9.31 -10.46
N ASN B 189 0.31 9.25 -11.69
CA ASN B 189 -0.60 8.18 -12.08
C ASN B 189 0.19 6.93 -12.48
N ARG B 190 -0.47 5.77 -12.42
CA ARG B 190 0.20 4.53 -12.77
C ARG B 190 0.20 4.36 -14.28
N GLU B 191 0.56 3.16 -14.75
CA GLU B 191 0.59 2.87 -16.17
C GLU B 191 -0.71 2.28 -16.69
N LEU B 192 -1.54 1.74 -15.80
CA LEU B 192 -2.84 1.20 -16.19
C LEU B 192 -3.87 2.33 -16.22
N ARG B 193 -3.65 3.27 -17.15
CA ARG B 193 -4.46 4.46 -17.23
C ARG B 193 -4.91 4.71 -18.66
N PRO B 194 -6.12 5.26 -18.85
CA PRO B 194 -6.63 5.53 -20.19
C PRO B 194 -5.85 6.65 -20.86
N PRO B 195 -6.10 6.90 -22.16
CA PRO B 195 -5.30 7.93 -22.85
C PRO B 195 -5.59 9.34 -22.38
N ASP B 196 -6.86 9.67 -22.11
CA ASP B 196 -7.20 11.02 -21.69
C ASP B 196 -6.56 11.40 -20.37
N ILE B 197 -6.10 10.44 -19.59
CA ILE B 197 -5.50 10.73 -18.29
C ILE B 197 -4.02 11.05 -18.50
N PRO B 198 -3.52 12.16 -17.96
CA PRO B 198 -2.11 12.52 -18.13
C PRO B 198 -1.24 11.73 -17.17
N PRO B 199 0.10 11.81 -17.32
CA PRO B 199 0.96 11.05 -16.39
C PRO B 199 0.89 11.55 -14.96
N ILE B 200 0.72 12.86 -14.76
CA ILE B 200 0.68 13.47 -13.43
C ILE B 200 -0.56 14.37 -13.36
N SER B 201 -1.15 14.43 -12.18
CA SER B 201 -2.40 15.17 -11.97
C SER B 201 -2.19 16.27 -10.94
N LEU B 202 -2.60 17.49 -11.27
CA LEU B 202 -2.59 18.62 -10.34
C LEU B 202 -3.98 18.75 -9.74
N LYS B 203 -4.12 18.34 -8.48
CA LYS B 203 -5.43 18.20 -7.85
C LYS B 203 -5.44 18.86 -6.48
N LEU B 204 -6.64 19.01 -5.95
CA LEU B 204 -6.89 19.35 -4.56
C LEU B 204 -7.05 18.08 -3.75
N PRO B 205 -6.88 18.13 -2.43
CA PRO B 205 -6.98 16.90 -1.63
C PRO B 205 -8.34 16.24 -1.75
N GLY B 206 -8.33 14.92 -1.77
CA GLY B 206 -9.53 14.12 -1.87
C GLY B 206 -9.28 12.86 -2.68
N LYS B 207 -9.97 11.78 -2.30
CA LYS B 207 -9.86 10.52 -3.01
C LYS B 207 -11.26 10.11 -3.45
N TRP B 208 -11.90 9.17 -2.75
CA TRP B 208 -13.18 8.63 -3.17
C TRP B 208 -13.87 8.00 -1.96
N THR B 209 -15.13 7.66 -2.14
CA THR B 209 -15.90 7.02 -1.08
C THR B 209 -15.61 5.52 -1.03
N LEU B 210 -15.75 4.96 0.17
CA LEU B 210 -15.67 3.52 0.39
C LEU B 210 -17.08 2.93 0.40
N LEU B 211 -17.14 1.60 0.48
CA LEU B 211 -18.43 0.93 0.56
C LEU B 211 -19.20 1.42 1.77
N TYR B 212 -20.38 1.98 1.52
CA TYR B 212 -21.34 2.36 2.57
C TYR B 212 -20.86 3.56 3.38
N GLU B 213 -20.05 4.42 2.77
CA GLU B 213 -19.55 5.62 3.41
C GLU B 213 -20.21 6.86 2.80
N ARG B 214 -20.46 7.86 3.64
CA ARG B 214 -21.11 9.08 3.18
C ARG B 214 -20.07 10.03 2.57
N TYR B 215 -20.58 11.11 1.96
CA TYR B 215 -19.72 12.03 1.23
C TYR B 215 -18.80 12.80 2.16
N LYS B 216 -19.38 13.53 3.12
CA LYS B 216 -18.57 14.38 3.99
C LYS B 216 -17.58 13.54 4.80
N GLU B 217 -17.98 12.34 5.21
CA GLU B 217 -17.06 11.47 5.93
C GLU B 217 -15.88 11.07 5.04
N ALA B 218 -16.17 10.60 3.82
CA ALA B 218 -15.10 10.25 2.91
C ALA B 218 -14.21 11.44 2.61
N ALA B 219 -14.81 12.62 2.41
CA ALA B 219 -14.03 13.82 2.15
C ALA B 219 -13.07 14.12 3.29
N ILE B 220 -13.53 13.95 4.54
CA ILE B 220 -12.68 14.24 5.69
C ILE B 220 -11.57 13.21 5.81
N ARG B 221 -11.90 11.93 5.63
CA ARG B 221 -10.89 10.89 5.75
C ARG B 221 -9.81 11.03 4.67
N THR B 222 -10.24 11.15 3.41
CA THR B 222 -9.28 11.24 2.32
C THR B 222 -8.50 12.56 2.34
N LEU B 223 -9.04 13.60 2.97
CA LEU B 223 -8.23 14.78 3.24
C LEU B 223 -7.03 14.44 4.12
N TRP B 224 -7.28 13.66 5.19
CA TRP B 224 -6.19 13.34 6.11
C TRP B 224 -5.14 12.45 5.44
N GLU B 225 -5.60 11.46 4.66
CA GLU B 225 -4.66 10.50 4.07
C GLU B 225 -3.68 11.18 3.11
N GLU B 226 -4.09 12.29 2.49
CA GLU B 226 -3.24 12.98 1.53
C GLU B 226 -2.52 14.19 2.10
N THR B 227 -2.94 14.68 3.28
CA THR B 227 -2.32 15.87 3.86
C THR B 227 -1.97 15.73 5.33
N GLY B 228 -2.48 14.73 6.04
CA GLY B 228 -2.29 14.65 7.48
C GLY B 228 -3.07 15.68 8.27
N ILE B 229 -3.99 16.41 7.62
CA ILE B 229 -4.74 17.47 8.27
C ILE B 229 -6.07 16.90 8.76
N THR B 230 -6.40 17.19 10.02
CA THR B 230 -7.68 16.80 10.59
C THR B 230 -8.62 18.00 10.59
N VAL B 231 -9.82 17.81 10.05
CA VAL B 231 -10.82 18.87 9.96
C VAL B 231 -12.12 18.37 10.58
N ASP B 232 -12.83 19.26 11.25
CA ASP B 232 -14.10 18.93 11.86
C ASP B 232 -15.22 19.07 10.82
N ALA B 233 -16.24 18.21 10.96
CA ALA B 233 -17.30 18.17 9.97
C ALA B 233 -18.12 19.46 9.95
N SER B 234 -18.21 20.16 11.09
CA SER B 234 -19.01 21.38 11.16
C SER B 234 -18.43 22.51 10.30
N ASN B 235 -17.16 22.41 9.90
CA ASN B 235 -16.53 23.41 9.06
C ASN B 235 -16.25 22.90 7.65
N VAL B 236 -16.91 21.81 7.25
CA VAL B 236 -16.85 21.29 5.89
C VAL B 236 -18.20 21.52 5.24
N TYR B 237 -18.19 22.09 4.02
CA TYR B 237 -19.43 22.49 3.37
C TYR B 237 -19.48 21.94 1.95
N PRO B 238 -20.61 21.35 1.54
CA PRO B 238 -20.76 20.92 0.15
C PRO B 238 -20.86 22.11 -0.79
N THR B 239 -20.15 22.03 -1.92
CA THR B 239 -20.09 23.14 -2.86
C THR B 239 -20.42 22.78 -4.31
N GLY B 240 -20.46 21.52 -4.69
CA GLY B 240 -20.80 21.19 -6.05
C GLY B 240 -20.57 19.73 -6.35
N HIS B 241 -21.11 19.31 -7.50
CA HIS B 241 -20.92 17.96 -8.00
C HIS B 241 -20.99 17.97 -9.52
N LEU B 242 -20.09 17.20 -10.15
CA LEU B 242 -20.01 17.10 -11.60
C LEU B 242 -20.07 15.64 -12.02
N TYR B 243 -20.67 15.40 -13.18
CA TYR B 243 -20.71 14.06 -13.78
C TYR B 243 -20.84 14.25 -15.30
N GLN B 244 -19.70 14.30 -15.97
CA GLN B 244 -19.64 14.47 -17.42
C GLN B 244 -18.84 13.31 -18.00
N THR B 245 -19.52 12.40 -18.69
CA THR B 245 -18.87 11.24 -19.27
C THR B 245 -19.55 10.87 -20.57
N VAL B 246 -18.79 10.22 -21.45
CA VAL B 246 -19.28 9.78 -22.75
C VAL B 246 -19.39 8.26 -22.72
N PRO B 247 -20.11 7.63 -23.65
CA PRO B 247 -20.24 6.15 -23.60
C PRO B 247 -18.93 5.41 -23.56
N GLN B 248 -17.87 5.96 -24.17
CA GLN B 248 -16.59 5.27 -24.20
C GLN B 248 -15.92 5.21 -22.83
N TYR B 249 -16.29 6.10 -21.92
CA TYR B 249 -15.81 6.04 -20.54
C TYR B 249 -16.96 5.70 -19.61
N TYR B 250 -17.61 4.56 -19.84
CA TYR B 250 -18.82 4.18 -19.11
C TYR B 250 -18.58 3.89 -17.63
N TRP B 251 -17.32 3.76 -17.21
CA TRP B 251 -16.99 3.41 -15.83
C TRP B 251 -16.78 4.63 -14.93
N ARG B 252 -16.84 5.84 -15.49
CA ARG B 252 -16.56 7.03 -14.70
C ARG B 252 -17.68 7.31 -13.70
N VAL B 253 -17.31 7.81 -12.54
CA VAL B 253 -18.27 8.13 -11.48
C VAL B 253 -18.31 9.64 -11.28
N PRO B 254 -19.38 10.19 -10.69
CA PRO B 254 -19.42 11.64 -10.44
C PRO B 254 -18.40 12.09 -9.40
N VAL B 255 -18.36 13.39 -9.13
CA VAL B 255 -17.40 13.97 -8.19
C VAL B 255 -18.15 14.93 -7.28
N ARG B 256 -17.96 14.77 -5.97
CA ARG B 256 -18.56 15.64 -4.96
C ARG B 256 -17.49 16.55 -4.38
N TYR B 257 -17.76 17.85 -4.37
CA TYR B 257 -16.79 18.85 -3.93
C TYR B 257 -17.21 19.46 -2.60
N PHE B 258 -16.21 19.80 -1.80
CA PHE B 258 -16.40 20.42 -0.49
C PHE B 258 -15.32 21.47 -0.27
N VAL B 259 -15.55 22.36 0.69
CA VAL B 259 -14.53 23.32 1.10
C VAL B 259 -14.52 23.42 2.62
N ALA B 260 -13.37 23.83 3.16
CA ALA B 260 -13.18 23.96 4.60
C ALA B 260 -12.02 24.91 4.84
N GLU B 261 -12.18 25.77 5.84
CA GLU B 261 -11.13 26.69 6.25
C GLU B 261 -10.21 26.02 7.25
N VAL B 262 -8.91 26.31 7.15
CA VAL B 262 -7.93 25.83 8.12
C VAL B 262 -7.16 27.02 8.65
N PRO B 263 -6.63 26.98 9.87
CA PRO B 263 -5.83 28.10 10.37
C PRO B 263 -4.61 28.34 9.47
N SER B 264 -4.14 29.59 9.48
CA SER B 264 -3.05 29.99 8.58
C SER B 264 -1.81 29.14 8.81
N ASP B 265 -1.49 28.84 10.07
CA ASP B 265 -0.30 28.07 10.43
C ASP B 265 -0.61 26.60 10.66
N ILE B 266 -1.51 26.03 9.87
CA ILE B 266 -1.81 24.61 9.99
C ILE B 266 -0.59 23.79 9.58
N ARG B 267 -0.33 22.71 10.32
CA ARG B 267 0.85 21.89 10.05
C ARG B 267 0.51 20.89 8.95
N VAL B 268 1.02 21.15 7.74
CA VAL B 268 0.85 20.25 6.62
C VAL B 268 1.95 19.20 6.68
N GLU B 269 1.57 17.96 6.94
CA GLU B 269 2.54 16.86 7.03
C GLU B 269 2.79 16.20 5.70
N GLY B 270 1.79 16.12 4.83
CA GLY B 270 1.93 15.47 3.55
C GLY B 270 1.15 14.18 3.49
N PRO B 271 1.32 13.43 2.41
CA PRO B 271 0.58 12.16 2.27
C PRO B 271 0.92 11.18 3.38
N GLN B 272 -0.12 10.65 4.02
CA GLN B 272 0.02 9.63 5.04
C GLN B 272 -0.21 8.23 4.52
N VAL B 273 -0.85 8.10 3.36
CA VAL B 273 -1.09 6.82 2.71
C VAL B 273 -0.54 6.91 1.29
N VAL B 274 0.07 5.81 0.83
CA VAL B 274 0.79 5.70 -0.45
C VAL B 274 1.52 7.00 -0.79
N PRO B 275 2.47 7.44 0.03
CA PRO B 275 3.09 8.75 -0.20
C PRO B 275 3.97 8.81 -1.45
N LEU B 276 4.47 7.69 -1.94
CA LEU B 276 5.31 7.70 -3.13
C LEU B 276 4.52 7.90 -4.42
N GLN B 277 3.19 7.93 -4.35
CA GLN B 277 2.34 8.23 -5.50
C GLN B 277 2.05 9.72 -5.62
N TYR B 278 2.88 10.57 -5.01
CA TYR B 278 2.78 12.01 -5.12
C TYR B 278 4.18 12.58 -5.29
N MET B 279 4.29 13.68 -6.02
CA MET B 279 5.58 14.28 -6.29
C MET B 279 6.21 14.80 -5.01
N ARG B 280 7.43 14.34 -4.73
CA ARG B 280 8.15 14.72 -3.51
C ARG B 280 9.63 14.81 -3.83
N ASN B 281 10.32 15.66 -3.05
CA ASN B 281 11.77 15.82 -3.11
C ASN B 281 12.28 15.91 -4.55
N TRP B 282 11.56 16.64 -5.40
CA TRP B 282 12.04 16.92 -6.73
C TRP B 282 13.24 17.87 -6.67
N ASP B 283 13.83 18.11 -7.83
CA ASP B 283 14.92 19.08 -7.95
C ASP B 283 14.34 20.35 -8.55
N ALA B 284 14.41 21.45 -7.78
CA ALA B 284 13.65 22.65 -8.12
C ALA B 284 14.11 23.25 -9.44
N ARG B 285 15.42 23.27 -9.68
CA ARG B 285 15.93 23.98 -10.85
C ARG B 285 16.04 23.07 -12.06
N LEU B 286 15.79 21.76 -11.90
CA LEU B 286 15.37 20.96 -13.03
C LEU B 286 13.92 21.25 -13.42
N LEU B 287 13.06 21.51 -12.42
CA LEU B 287 11.67 21.84 -12.72
C LEU B 287 11.48 23.31 -13.07
N ARG B 288 12.32 24.20 -12.52
CA ARG B 288 12.18 25.61 -12.82
C ARG B 288 12.38 25.90 -14.30
N GLN B 289 13.29 25.20 -14.96
CA GLN B 289 13.52 25.38 -16.38
C GLN B 289 12.70 24.42 -17.24
N SER B 290 11.63 23.84 -16.69
CA SER B 290 10.76 23.00 -17.47
C SER B 290 9.85 23.85 -18.38
N PRO B 291 9.50 23.33 -19.55
CA PRO B 291 8.64 24.13 -20.45
C PRO B 291 7.19 24.22 -19.98
N ASP B 292 6.69 23.21 -19.29
CA ASP B 292 5.29 23.18 -18.88
C ASP B 292 5.05 24.19 -17.76
N PRO B 293 4.07 25.09 -17.90
CA PRO B 293 3.85 26.12 -16.86
C PRO B 293 3.56 25.56 -15.47
N ILE B 294 3.10 24.32 -15.35
CA ILE B 294 2.80 23.76 -14.04
C ILE B 294 4.08 23.37 -13.32
N ASP B 295 4.98 22.68 -14.02
CA ASP B 295 6.28 22.35 -13.43
C ASP B 295 7.01 23.59 -12.96
N ARG B 296 6.85 24.70 -13.69
CA ARG B 296 7.45 25.96 -13.28
C ARG B 296 6.80 26.48 -11.99
N ALA B 297 5.47 26.46 -11.94
CA ALA B 297 4.78 26.96 -10.75
C ALA B 297 4.97 26.00 -9.57
N TRP B 298 5.04 24.70 -9.83
CA TRP B 298 5.23 23.74 -8.75
C TRP B 298 6.55 23.97 -8.03
N ALA B 299 7.63 24.16 -8.81
CA ALA B 299 8.92 24.49 -8.20
C ALA B 299 8.88 25.84 -7.49
N GLN B 300 7.95 26.72 -7.86
CA GLN B 300 7.86 28.04 -7.25
C GLN B 300 7.28 27.97 -5.84
N LEU B 301 6.17 27.26 -5.67
CA LEU B 301 5.38 27.34 -4.45
C LEU B 301 5.31 26.05 -3.64
N ALA B 302 5.53 24.89 -4.26
CA ALA B 302 5.40 23.63 -3.53
C ALA B 302 6.65 23.33 -2.73
N ASP B 303 6.46 22.61 -1.61
CA ASP B 303 7.54 22.21 -0.74
C ASP B 303 7.91 20.77 -1.07
N PRO B 304 9.16 20.49 -1.48
CA PRO B 304 9.53 19.10 -1.79
C PRO B 304 9.40 18.15 -0.62
N ALA B 305 9.44 18.66 0.62
CA ALA B 305 9.30 17.79 1.78
C ALA B 305 7.90 17.17 1.84
N THR B 306 6.87 18.00 1.89
CA THR B 306 5.50 17.52 2.01
C THR B 306 4.86 17.18 0.68
N GLY B 307 5.33 17.78 -0.42
CA GLY B 307 4.68 17.59 -1.70
C GLY B 307 3.37 18.35 -1.83
N CYS B 308 3.23 19.45 -1.10
CA CYS B 308 2.01 20.25 -1.13
C CYS B 308 2.36 21.71 -1.44
N ALA B 309 1.38 22.43 -2.00
CA ALA B 309 1.58 23.80 -2.41
C ALA B 309 0.35 24.63 -2.07
N TRP B 310 0.57 25.82 -1.53
CA TRP B 310 -0.49 26.79 -1.32
C TRP B 310 -0.58 27.68 -2.56
N MET B 311 -1.75 27.68 -3.21
CA MET B 311 -1.94 28.38 -4.46
C MET B 311 -3.20 29.23 -4.42
N LYS B 312 -3.13 30.39 -5.07
CA LYS B 312 -4.29 31.26 -5.21
C LYS B 312 -5.21 30.74 -6.31
N ALA B 313 -6.52 30.96 -6.12
CA ALA B 313 -7.51 30.49 -7.09
C ALA B 313 -7.26 31.06 -8.48
N SER B 314 -6.77 32.29 -8.60
CA SER B 314 -6.53 32.87 -9.91
C SER B 314 -5.42 32.12 -10.65
N MET B 315 -4.42 31.62 -9.93
CA MET B 315 -3.38 30.81 -10.56
C MET B 315 -3.92 29.42 -10.91
N ILE B 316 -4.71 28.83 -10.01
CA ILE B 316 -5.28 27.52 -10.28
C ILE B 316 -6.20 27.59 -11.49
N ASP B 317 -6.97 28.68 -11.61
CA ASP B 317 -7.77 28.88 -12.82
C ASP B 317 -6.88 28.98 -14.06
N GLN B 318 -5.69 29.56 -13.91
CA GLN B 318 -4.81 29.78 -15.06
C GLN B 318 -4.04 28.51 -15.41
N LEU B 319 -3.56 27.78 -14.40
CA LEU B 319 -2.85 26.52 -14.64
C LEU B 319 -3.78 25.41 -15.10
N GLN B 320 -5.10 25.63 -15.06
CA GLN B 320 -6.07 24.65 -15.53
C GLN B 320 -6.83 25.08 -16.77
N LYS B 321 -6.81 26.37 -17.11
CA LYS B 321 -7.49 26.86 -18.31
C LYS B 321 -7.10 26.13 -19.57
N PRO B 322 -5.84 25.72 -19.79
CA PRO B 322 -5.55 24.89 -20.98
C PRO B 322 -6.31 23.58 -20.99
N LEU B 323 -6.55 22.98 -19.83
CA LEU B 323 -7.05 21.63 -19.74
C LEU B 323 -8.43 21.53 -19.09
N ARG B 324 -9.07 22.67 -18.83
CA ARG B 324 -10.34 22.66 -18.12
C ARG B 324 -11.30 23.73 -18.62
N GLY B 325 -10.79 24.87 -19.06
CA GLY B 325 -11.60 26.04 -19.32
C GLY B 325 -11.67 26.96 -18.12
N ASP B 326 -12.21 28.15 -18.34
CA ASP B 326 -12.10 29.19 -17.32
C ASP B 326 -13.18 29.02 -16.25
N ASN B 327 -12.92 29.64 -15.08
CA ASN B 327 -13.70 29.43 -13.86
C ASN B 327 -13.69 27.97 -13.43
N TYR B 328 -12.46 27.45 -13.29
CA TYR B 328 -12.27 26.08 -12.82
C TYR B 328 -12.69 25.93 -11.37
N MET B 329 -12.37 26.92 -10.54
CA MET B 329 -12.65 26.84 -9.11
C MET B 329 -14.01 27.39 -8.74
N ALA B 330 -14.49 28.43 -9.43
CA ALA B 330 -15.82 28.94 -9.15
C ALA B 330 -16.90 27.90 -9.43
N ILE B 331 -16.67 27.03 -10.40
CA ILE B 331 -17.62 25.98 -10.71
C ILE B 331 -17.69 24.95 -9.58
N ARG B 332 -16.53 24.67 -8.96
CA ARG B 332 -16.42 23.53 -8.04
C ARG B 332 -16.46 23.93 -6.57
N TYR B 333 -15.85 25.05 -6.19
CA TYR B 333 -15.58 25.32 -4.77
C TYR B 333 -16.20 26.63 -4.29
N THR B 334 -17.33 27.03 -4.85
CA THR B 334 -18.03 28.23 -4.37
C THR B 334 -18.87 27.86 -3.15
N PRO B 335 -18.63 28.49 -1.99
CA PRO B 335 -19.33 28.05 -0.77
C PRO B 335 -20.79 28.41 -0.82
N PRO B 336 -21.64 27.67 -0.10
CA PRO B 336 -23.06 28.03 -0.04
C PRO B 336 -23.28 29.22 0.87
N PRO B 337 -24.31 30.03 0.62
CA PRO B 337 -24.48 31.27 1.40
C PRO B 337 -24.59 31.07 2.90
N TYR B 338 -25.23 29.99 3.36
CA TYR B 338 -25.38 29.77 4.79
C TYR B 338 -24.07 29.45 5.48
N SER B 339 -22.98 29.24 4.73
CA SER B 339 -21.69 28.90 5.32
C SER B 339 -20.96 30.13 5.85
N ASN B 340 -21.24 31.31 5.27
CA ASN B 340 -20.56 32.57 5.57
C ASN B 340 -19.14 32.62 5.05
N LEU B 341 -18.81 31.82 4.04
CA LEU B 341 -17.49 31.81 3.43
C LEU B 341 -17.46 32.44 2.05
N GLN B 342 -18.62 32.69 1.43
CA GLN B 342 -18.64 33.21 0.07
C GLN B 342 -17.88 34.51 -0.07
N GLU B 343 -17.89 35.35 0.98
CA GLU B 343 -17.17 36.61 0.91
C GLU B 343 -15.69 36.46 1.24
N VAL B 344 -15.34 35.46 2.06
CA VAL B 344 -13.95 35.25 2.41
C VAL B 344 -13.20 34.56 1.27
N VAL B 345 -13.83 33.57 0.64
CA VAL B 345 -13.21 32.89 -0.49
C VAL B 345 -13.15 33.81 -1.70
N GLY B 346 -14.25 34.51 -1.98
CA GLY B 346 -14.28 35.46 -3.08
C GLY B 346 -14.41 34.82 -4.44
N LEU B 347 -15.40 33.94 -4.61
CA LEU B 347 -15.61 33.23 -5.87
C LEU B 347 -16.91 33.62 -6.55
N GLY B 348 -18.04 33.59 -5.84
CA GLY B 348 -19.31 33.91 -6.47
C GLY B 348 -20.51 33.98 -5.53
#